data_4CLT
#
_entry.id   4CLT
#
_cell.length_a   100.970
_cell.length_b   100.970
_cell.length_c   97.210
_cell.angle_alpha   90.00
_cell.angle_beta   90.00
_cell.angle_gamma   120.00
#
_symmetry.space_group_name_H-M   'P 63'
#
loop_
_entity.id
_entity.type
_entity.pdbx_description
1 polymer 'ADENYLATE CYCLASE TYPE 10'
2 non-polymer 'MAGNESIUM ION'
3 non-polymer "ADENOSINE-3',5'-CYCLIC-MONOPHOSPHATE"
4 non-polymer 'PYROPHOSPHATE 2-'
5 non-polymer 'CHLORIDE ION'
6 non-polymer 1,2-ETHANEDIOL
7 water water
#
_entity_poly.entity_id   1
_entity_poly.type   'polypeptide(L)'
_entity_poly.pdbx_seq_one_letter_code
;MNTPKEEFQDWPIVRIAAHLPDLIVYGHFSPERPFMDYFDGVLMFVDISGFTAMTEKFSSAMYMDRGAEQLVEILNYHIS
AIVEKVLIFGGDILKFAGDALLALWRVERKQLKNIITVVIKCSLEIHGLFETQEWEEGLDIRVKIGLAAGHISMLVFGDE
THSHFLVIGQAVDDVRLAQNMAQMNDVILSPNCWQLCDRSMIEIESVPDQRAVKVNFLKPPPNFNFDEFFTKCTTFMHYY
PSGEHKNLLRLA(CME)TLKPDPELEMSLQKYVMESILKQIDNKQLQGYLSELRPVTIVFVNLMFEDQDKAEEIGPAIQD
AYMHITSVLKIFQGQINKVFMFDKGCSFLCVFGFPGEKVPDELTHALECAMDIFDFCSQVHKIQTVSIGVASGIVFCGIV
GHTVRHEYTVIGQKVNLAARMMMYYPGIVTCDSVTYNGSNLPAYFFKELPKKVMKGVADSGPLYQYWGRTEKVHHHHHH
;
_entity_poly.pdbx_strand_id   A
#
# COMPACT_ATOMS: atom_id res chain seq x y z
N MET A 1 1.87 28.91 -42.50
CA MET A 1 2.73 27.95 -41.66
C MET A 1 1.84 27.10 -40.85
N ASN A 2 2.02 25.80 -40.97
CA ASN A 2 1.22 24.87 -40.24
C ASN A 2 1.44 24.89 -38.74
N THR A 3 0.43 24.45 -38.00
CA THR A 3 0.49 24.31 -36.55
C THR A 3 0.05 22.88 -36.28
N PRO A 4 0.95 21.91 -36.55
CA PRO A 4 0.55 20.51 -36.61
C PRO A 4 0.27 19.86 -35.28
N LYS A 5 -0.35 18.67 -35.36
CA LYS A 5 -0.70 17.87 -34.20
C LYS A 5 0.53 17.61 -33.31
N GLU A 6 0.49 18.11 -32.06
CA GLU A 6 1.45 17.70 -31.03
C GLU A 6 0.99 16.39 -30.37
N GLU A 7 1.57 15.26 -30.79
CA GLU A 7 1.28 13.96 -30.16
C GLU A 7 1.64 13.98 -28.67
N PHE A 8 0.81 13.34 -27.81
CA PHE A 8 1.18 13.10 -26.40
C PHE A 8 2.55 12.45 -26.42
N GLN A 9 3.47 12.96 -25.61
CA GLN A 9 4.79 12.36 -25.57
C GLN A 9 5.01 11.53 -24.27
N ASP A 10 5.18 10.23 -24.52
CA ASP A 10 5.25 9.22 -23.47
C ASP A 10 6.71 8.89 -23.14
N TRP A 11 7.43 9.95 -22.77
CA TRP A 11 8.79 9.80 -22.29
C TRP A 11 8.90 8.83 -21.13
N PRO A 12 10.08 8.21 -21.00
CA PRO A 12 10.34 7.34 -19.90
C PRO A 12 10.08 8.03 -18.55
N ILE A 13 10.45 9.29 -18.40
CA ILE A 13 10.17 10.02 -17.10
C ILE A 13 8.66 10.05 -16.73
N VAL A 14 7.79 10.20 -17.72
CA VAL A 14 6.35 10.17 -17.50
C VAL A 14 5.92 8.76 -17.09
N ARG A 15 6.48 7.74 -17.76
CA ARG A 15 6.07 6.40 -17.37
C ARG A 15 6.49 6.01 -15.94
N ILE A 16 7.65 6.50 -15.53
CA ILE A 16 8.14 6.32 -14.19
C ILE A 16 7.21 7.01 -13.20
N ALA A 17 6.84 8.27 -13.51
CA ALA A 17 6.03 9.03 -12.62
C ALA A 17 4.65 8.41 -12.44
N ALA A 18 4.16 7.61 -13.39
CA ALA A 18 2.94 6.85 -13.14
C ALA A 18 2.95 5.96 -11.88
N HIS A 19 4.14 5.54 -11.48
CA HIS A 19 4.32 4.66 -10.33
C HIS A 19 4.44 5.39 -9.00
N LEU A 20 4.32 6.71 -9.01
CA LEU A 20 4.59 7.52 -7.87
C LEU A 20 3.51 8.60 -7.68
N PRO A 21 3.31 9.01 -6.41
CA PRO A 21 2.38 10.10 -6.13
C PRO A 21 3.04 11.44 -6.36
N ASP A 22 2.21 12.49 -6.42
CA ASP A 22 2.67 13.88 -6.57
C ASP A 22 3.56 14.28 -5.40
N LEU A 23 3.25 13.73 -4.27
CA LEU A 23 4.04 13.95 -3.05
C LEU A 23 5.54 13.68 -3.28
N ILE A 24 5.88 12.65 -4.07
CA ILE A 24 7.27 12.38 -4.43
C ILE A 24 7.62 13.11 -5.74
N VAL A 25 6.81 13.01 -6.78
CA VAL A 25 7.17 13.51 -8.10
C VAL A 25 7.52 14.99 -8.02
N TYR A 26 6.74 15.76 -7.25
CA TYR A 26 6.93 17.19 -7.18
C TYR A 26 7.55 17.54 -5.83
N GLY A 27 7.99 16.59 -5.01
CA GLY A 27 8.55 16.94 -3.71
C GLY A 27 9.93 17.63 -3.74
N HIS A 28 10.75 17.40 -4.74
CA HIS A 28 12.11 18.00 -4.66
C HIS A 28 12.68 18.04 -3.20
N PHE A 29 12.77 16.94 -2.49
CA PHE A 29 13.47 17.11 -1.20
C PHE A 29 14.88 16.51 -1.22
N SER A 30 15.57 16.78 -0.13
CA SER A 30 16.91 16.34 0.10
C SER A 30 17.17 14.83 -0.23
N PRO A 31 18.36 14.50 -0.73
CA PRO A 31 18.66 13.09 -0.88
C PRO A 31 19.16 12.45 0.43
N GLU A 32 19.36 13.23 1.49
CA GLU A 32 19.70 12.69 2.79
C GLU A 32 18.67 11.64 3.34
N ARG A 33 19.18 10.66 4.08
CA ARG A 33 18.29 9.58 4.55
C ARG A 33 18.59 9.23 5.96
N PRO A 34 17.59 9.21 6.84
CA PRO A 34 16.14 9.40 6.63
C PRO A 34 15.84 10.90 6.39
N PHE A 35 14.76 11.19 5.67
CA PHE A 35 14.28 12.53 5.53
C PHE A 35 12.86 12.55 6.02
N MET A 36 12.47 13.59 6.74
CA MET A 36 11.15 13.63 7.32
C MET A 36 10.54 14.97 6.98
N ASP A 37 9.26 14.99 6.64
CA ASP A 37 8.51 16.22 6.24
C ASP A 37 7.19 16.16 7.07
N TYR A 38 6.56 17.30 7.32
CA TYR A 38 5.39 17.37 8.15
C TYR A 38 4.36 18.26 7.45
N PHE A 39 3.10 17.88 7.48
CA PHE A 39 2.06 18.63 6.83
C PHE A 39 0.73 18.20 7.38
N ASP A 40 -0.35 18.76 6.83
CA ASP A 40 -1.68 18.36 7.22
C ASP A 40 -2.41 17.89 5.98
N GLY A 41 -3.44 17.11 6.20
CA GLY A 41 -4.29 16.69 5.11
C GLY A 41 -5.40 15.78 5.50
N VAL A 42 -6.12 15.34 4.48
CA VAL A 42 -7.16 14.34 4.61
C VAL A 42 -6.70 13.06 3.90
N LEU A 43 -6.92 11.91 4.53
CA LEU A 43 -6.55 10.65 3.98
C LEU A 43 -7.79 9.85 3.72
N MET A 44 -7.71 9.00 2.71
CA MET A 44 -8.76 8.16 2.33
C MET A 44 -8.19 6.81 2.06
N PHE A 45 -8.69 5.79 2.70
CA PHE A 45 -8.20 4.45 2.56
C PHE A 45 -9.35 3.64 1.97
N VAL A 46 -9.20 3.16 0.74
CA VAL A 46 -10.29 2.48 -0.02
C VAL A 46 -9.90 1.03 -0.15
N ASP A 47 -10.78 0.16 0.26
CA ASP A 47 -10.53 -1.30 0.17
C ASP A 47 -11.61 -2.01 -0.62
N ILE A 48 -11.22 -2.74 -1.66
CA ILE A 48 -12.11 -3.72 -2.30
C ILE A 48 -12.11 -5.07 -1.56
N SER A 49 -13.18 -5.43 -0.91
CA SER A 49 -13.24 -6.80 -0.30
C SER A 49 -13.59 -7.78 -1.40
N GLY A 50 -12.88 -8.91 -1.45
CA GLY A 50 -13.23 -10.07 -2.29
C GLY A 50 -12.32 -10.36 -3.44
N PHE A 51 -11.33 -9.51 -3.70
CA PHE A 51 -10.44 -9.95 -4.73
C PHE A 51 -9.58 -11.06 -4.25
N THR A 52 -9.26 -11.13 -2.95
CA THR A 52 -8.29 -12.17 -2.56
C THR A 52 -8.90 -13.56 -2.74
N ALA A 53 -10.19 -13.72 -2.44
CA ALA A 53 -10.92 -14.94 -2.88
C ALA A 53 -10.97 -15.16 -4.39
N MET A 54 -11.17 -14.10 -5.14
CA MET A 54 -11.21 -14.29 -6.60
C MET A 54 -9.86 -14.84 -7.14
N THR A 55 -8.81 -14.38 -6.48
CA THR A 55 -7.52 -14.81 -6.80
C THR A 55 -7.42 -16.29 -6.75
N GLU A 56 -7.81 -16.92 -5.66
CA GLU A 56 -7.75 -18.37 -5.59
C GLU A 56 -8.46 -19.07 -6.78
N LYS A 57 -9.67 -18.59 -7.06
CA LYS A 57 -10.51 -19.11 -8.11
C LYS A 57 -9.91 -18.90 -9.53
N PHE A 58 -9.09 -17.87 -9.73
CA PHE A 58 -8.47 -17.66 -11.06
C PHE A 58 -7.36 -18.65 -11.42
N SER A 59 -6.85 -19.37 -10.42
CA SER A 59 -5.96 -20.50 -10.69
C SER A 59 -6.66 -21.81 -11.17
N SER A 60 -7.97 -21.86 -11.10
CA SER A 60 -8.65 -23.09 -11.43
C SER A 60 -8.68 -23.32 -12.97
N ALA A 61 -8.97 -24.56 -13.32
CA ALA A 61 -8.90 -25.04 -14.69
C ALA A 61 -9.84 -24.25 -15.60
N MET A 62 -10.94 -23.71 -15.07
CA MET A 62 -11.88 -23.05 -16.01
C MET A 62 -11.27 -21.81 -16.70
N TYR A 63 -10.26 -21.21 -16.07
CA TYR A 63 -9.52 -20.01 -16.61
C TYR A 63 -8.44 -20.31 -17.71
N MET A 64 -8.19 -21.61 -17.87
CA MET A 64 -7.43 -22.13 -19.02
C MET A 64 -6.05 -21.48 -19.08
N ASP A 65 -5.37 -21.44 -17.93
CA ASP A 65 -4.04 -20.83 -17.81
C ASP A 65 -3.95 -19.35 -18.20
N ARG A 66 -5.08 -18.63 -18.25
CA ARG A 66 -5.00 -17.22 -18.44
C ARG A 66 -5.56 -16.53 -17.21
N GLY A 67 -5.44 -17.18 -16.08
CA GLY A 67 -5.96 -16.59 -14.85
C GLY A 67 -5.34 -15.28 -14.45
N ALA A 68 -4.03 -15.19 -14.56
CA ALA A 68 -3.37 -13.92 -14.24
C ALA A 68 -3.88 -12.80 -15.10
N GLU A 69 -4.02 -13.10 -16.39
CA GLU A 69 -4.47 -12.06 -17.35
C GLU A 69 -5.90 -11.62 -17.11
N GLN A 70 -6.75 -12.58 -16.84
CA GLN A 70 -8.18 -12.29 -16.50
C GLN A 70 -8.26 -11.47 -15.21
N LEU A 71 -7.47 -11.84 -14.20
CA LEU A 71 -7.54 -11.19 -12.91
CA LEU A 71 -7.56 -11.19 -12.91
C LEU A 71 -7.14 -9.74 -12.99
N VAL A 72 -6.01 -9.48 -13.59
CA VAL A 72 -5.52 -8.12 -13.68
C VAL A 72 -6.42 -7.23 -14.51
N GLU A 73 -7.08 -7.81 -15.51
CA GLU A 73 -8.00 -7.08 -16.35
C GLU A 73 -9.24 -6.68 -15.57
N ILE A 74 -9.82 -7.64 -14.87
CA ILE A 74 -11.04 -7.31 -14.08
C ILE A 74 -10.71 -6.44 -12.89
N LEU A 75 -9.56 -6.67 -12.25
CA LEU A 75 -9.16 -5.81 -11.14
C LEU A 75 -8.94 -4.42 -11.60
N ASN A 76 -8.13 -4.26 -12.67
CA ASN A 76 -7.85 -2.90 -13.11
C ASN A 76 -9.01 -2.12 -13.67
N TYR A 77 -9.92 -2.84 -14.25
CA TYR A 77 -11.14 -2.21 -14.73
C TYR A 77 -11.90 -1.52 -13.56
N HIS A 78 -12.02 -2.20 -12.45
CA HIS A 78 -12.60 -1.60 -11.26
C HIS A 78 -11.72 -0.58 -10.56
N ILE A 79 -10.45 -0.91 -10.26
CA ILE A 79 -9.55 0.02 -9.61
C ILE A 79 -9.33 1.28 -10.41
N SER A 80 -9.22 1.18 -11.73
CA SER A 80 -9.07 2.35 -12.56
C SER A 80 -10.17 3.36 -12.36
N ALA A 81 -11.40 2.89 -12.29
CA ALA A 81 -12.51 3.79 -12.13
C ALA A 81 -12.48 4.49 -10.77
N ILE A 82 -12.04 3.82 -9.74
CA ILE A 82 -11.83 4.47 -8.42
C ILE A 82 -10.69 5.48 -8.47
N VAL A 83 -9.61 5.11 -9.15
CA VAL A 83 -8.47 6.01 -9.31
C VAL A 83 -8.92 7.28 -10.05
N GLU A 84 -9.72 7.16 -11.11
CA GLU A 84 -10.18 8.32 -11.82
C GLU A 84 -10.96 9.23 -10.92
N LYS A 85 -11.86 8.70 -10.11
CA LYS A 85 -12.62 9.56 -9.18
C LYS A 85 -11.77 10.27 -8.20
N VAL A 86 -10.83 9.56 -7.61
CA VAL A 86 -9.90 10.21 -6.66
C VAL A 86 -9.18 11.37 -7.34
N LEU A 87 -8.66 11.12 -8.54
CA LEU A 87 -7.87 12.14 -9.24
C LEU A 87 -8.71 13.33 -9.69
N ILE A 88 -9.93 13.07 -10.16
CA ILE A 88 -10.79 14.18 -10.57
C ILE A 88 -11.24 15.09 -9.39
N PHE A 89 -11.35 14.53 -8.20
CA PHE A 89 -11.72 15.21 -6.98
C PHE A 89 -10.50 15.81 -6.31
N GLY A 90 -9.33 15.65 -6.92
CA GLY A 90 -8.17 16.41 -6.55
C GLY A 90 -7.19 15.69 -5.63
N GLY A 91 -7.40 14.40 -5.40
CA GLY A 91 -6.52 13.63 -4.52
C GLY A 91 -5.25 13.12 -5.17
N ASP A 92 -4.27 12.74 -4.34
CA ASP A 92 -3.02 12.15 -4.77
C ASP A 92 -3.02 10.71 -4.28
N ILE A 93 -2.97 9.70 -5.17
CA ILE A 93 -2.88 8.33 -4.70
C ILE A 93 -1.48 8.07 -4.24
N LEU A 94 -1.32 7.76 -2.95
CA LEU A 94 -0.01 7.56 -2.36
C LEU A 94 0.53 6.18 -2.67
N LYS A 95 -0.32 5.18 -2.60
CA LYS A 95 0.15 3.82 -2.60
C LYS A 95 -0.97 2.87 -2.90
N PHE A 96 -0.71 1.78 -3.64
CA PHE A 96 -1.59 0.64 -3.71
C PHE A 96 -1.01 -0.48 -2.86
N ALA A 97 -1.88 -1.22 -2.22
CA ALA A 97 -1.47 -2.39 -1.41
C ALA A 97 -2.48 -3.47 -1.70
N GLY A 98 -2.12 -4.42 -2.55
CA GLY A 98 -3.08 -5.43 -2.96
C GLY A 98 -4.28 -4.86 -3.67
N ASP A 99 -5.48 -5.05 -3.11
CA ASP A 99 -6.73 -4.51 -3.71
C ASP A 99 -7.27 -3.28 -2.97
N ALA A 100 -6.37 -2.62 -2.27
CA ALA A 100 -6.61 -1.40 -1.57
C ALA A 100 -5.72 -0.28 -1.97
N LEU A 101 -6.12 0.96 -1.65
CA LEU A 101 -5.25 2.12 -1.89
C LEU A 101 -5.42 3.18 -0.84
N LEU A 102 -4.43 4.05 -0.75
CA LEU A 102 -4.41 5.12 0.17
C LEU A 102 -4.24 6.39 -0.63
N ALA A 103 -5.13 7.36 -0.41
CA ALA A 103 -5.06 8.66 -1.08
C ALA A 103 -4.96 9.82 -0.07
N LEU A 104 -4.32 10.90 -0.50
CA LEU A 104 -4.12 12.08 0.28
C LEU A 104 -4.58 13.38 -0.40
N TRP A 105 -5.21 14.25 0.40
CA TRP A 105 -5.46 15.64 0.03
C TRP A 105 -4.68 16.49 1.02
N ARG A 106 -3.51 16.95 0.57
CA ARG A 106 -2.67 17.78 1.37
C ARG A 106 -3.10 19.21 1.28
N VAL A 107 -3.38 19.80 2.40
CA VAL A 107 -3.77 21.21 2.47
C VAL A 107 -3.35 21.87 3.74
N GLU A 108 -3.40 23.21 3.71
CA GLU A 108 -3.16 23.98 4.93
C GLU A 108 -4.33 23.72 5.87
N ARG A 109 -4.06 23.87 7.14
CA ARG A 109 -4.95 23.59 8.22
C ARG A 109 -6.34 24.22 8.10
N LYS A 110 -6.37 25.48 7.72
CA LYS A 110 -7.61 26.22 7.59
C LYS A 110 -8.48 25.67 6.49
N GLN A 111 -7.91 24.89 5.58
CA GLN A 111 -8.71 24.37 4.50
C GLN A 111 -9.19 22.94 4.75
N LEU A 112 -8.81 22.34 5.88
CA LEU A 112 -9.21 20.97 6.13
C LEU A 112 -10.72 20.79 6.12
N LYS A 113 -11.45 21.69 6.75
CA LYS A 113 -12.88 21.49 6.89
C LYS A 113 -13.54 21.35 5.51
N ASN A 114 -13.26 22.30 4.62
CA ASN A 114 -13.88 22.22 3.30
C ASN A 114 -13.37 21.04 2.48
N ILE A 115 -12.10 20.72 2.58
CA ILE A 115 -11.59 19.60 1.78
C ILE A 115 -12.17 18.31 2.26
N ILE A 116 -12.45 18.21 3.55
CA ILE A 116 -13.11 17.02 4.04
C ILE A 116 -14.47 16.80 3.30
N THR A 117 -15.17 17.88 2.98
CA THR A 117 -16.46 17.75 2.28
C THR A 117 -16.24 17.18 0.88
N VAL A 118 -15.22 17.68 0.21
CA VAL A 118 -14.80 17.20 -1.12
C VAL A 118 -14.51 15.69 -1.05
N VAL A 119 -13.71 15.30 -0.07
CA VAL A 119 -13.35 13.87 0.03
C VAL A 119 -14.55 12.96 0.37
N ILE A 120 -15.46 13.47 1.19
CA ILE A 120 -16.70 12.68 1.43
C ILE A 120 -17.55 12.50 0.20
N LYS A 121 -17.69 13.57 -0.55
CA LYS A 121 -18.44 13.52 -1.81
C LYS A 121 -17.80 12.50 -2.77
N CYS A 122 -16.49 12.57 -2.88
CA CYS A 122 -15.69 11.60 -3.64
C CYS A 122 -15.98 10.15 -3.13
N SER A 123 -15.95 9.98 -1.84
CA SER A 123 -16.13 8.63 -1.32
C SER A 123 -17.50 8.09 -1.63
N LEU A 124 -18.50 8.96 -1.53
CA LEU A 124 -19.90 8.57 -1.82
C LEU A 124 -20.14 8.22 -3.30
N GLU A 125 -19.54 8.98 -4.20
CA GLU A 125 -19.48 8.58 -5.59
C GLU A 125 -18.76 7.26 -5.83
N ILE A 126 -17.65 7.01 -5.17
CA ILE A 126 -16.99 5.72 -5.25
C ILE A 126 -17.91 4.59 -4.74
N HIS A 127 -18.58 4.76 -3.61
CA HIS A 127 -19.59 3.75 -3.22
C HIS A 127 -20.61 3.49 -4.24
N GLY A 128 -21.09 4.55 -4.86
CA GLY A 128 -21.97 4.50 -6.02
C GLY A 128 -21.51 3.47 -7.00
N LEU A 129 -20.34 3.68 -7.60
CA LEU A 129 -19.81 2.73 -8.58
C LEU A 129 -20.13 1.24 -8.28
N PHE A 130 -19.80 0.78 -7.06
CA PHE A 130 -19.82 -0.66 -6.72
C PHE A 130 -20.37 -0.82 -5.30
N GLY A 138 -18.49 -10.80 -9.61
CA GLY A 138 -19.75 -10.91 -10.37
C GLY A 138 -20.80 -9.98 -9.77
N LEU A 139 -21.36 -10.39 -8.64
CA LEU A 139 -22.01 -9.49 -7.66
C LEU A 139 -21.38 -9.84 -6.28
N ASP A 140 -20.04 -9.76 -6.22
CA ASP A 140 -19.20 -10.41 -5.17
C ASP A 140 -18.25 -9.51 -4.34
N ILE A 141 -17.89 -8.34 -4.86
CA ILE A 141 -16.97 -7.42 -4.19
C ILE A 141 -17.58 -6.13 -3.65
N ARG A 142 -17.08 -5.71 -2.51
CA ARG A 142 -17.61 -4.53 -1.84
C ARG A 142 -16.45 -3.52 -1.70
N VAL A 143 -16.79 -2.26 -1.51
CA VAL A 143 -15.84 -1.24 -1.33
C VAL A 143 -16.06 -0.74 0.10
N LYS A 144 -15.05 -0.82 0.95
CA LYS A 144 -15.02 -0.12 2.25
C LYS A 144 -14.09 1.10 2.25
N ILE A 145 -14.46 2.19 2.94
CA ILE A 145 -13.67 3.45 2.93
C ILE A 145 -13.55 4.01 4.30
N GLY A 146 -12.31 4.27 4.71
CA GLY A 146 -12.01 5.00 5.90
C GLY A 146 -11.40 6.34 5.54
N LEU A 147 -11.84 7.39 6.24
CA LEU A 147 -11.30 8.76 6.11
C LEU A 147 -10.75 9.26 7.42
N ALA A 148 -9.63 9.99 7.38
CA ALA A 148 -9.08 10.62 8.56
C ALA A 148 -8.57 11.96 8.17
N ALA A 149 -8.27 12.80 9.16
CA ALA A 149 -7.70 14.12 8.81
C ALA A 149 -6.89 14.63 9.96
N GLY A 150 -5.87 15.44 9.66
CA GLY A 150 -4.98 16.02 10.71
C GLY A 150 -3.54 16.05 10.26
N HIS A 151 -2.69 16.01 11.26
CA HIS A 151 -1.26 16.16 11.04
C HIS A 151 -0.79 14.85 10.40
N ILE A 152 0.13 14.96 9.48
CA ILE A 152 0.69 13.79 8.79
C ILE A 152 2.18 14.06 8.70
N SER A 153 2.94 13.03 8.91
CA SER A 153 4.39 13.06 8.65
C SER A 153 4.73 12.12 7.49
N MET A 154 5.73 12.47 6.70
CA MET A 154 6.26 11.56 5.71
C MET A 154 7.74 11.27 6.02
N LEU A 155 8.12 10.02 5.82
CA LEU A 155 9.47 9.54 5.98
C LEU A 155 9.91 9.02 4.63
N VAL A 156 11.10 9.47 4.21
CA VAL A 156 11.77 8.87 3.02
C VAL A 156 13.03 8.22 3.54
N PHE A 157 13.24 6.97 3.15
CA PHE A 157 14.40 6.26 3.62
C PHE A 157 14.92 5.47 2.45
N GLY A 158 16.15 4.99 2.63
CA GLY A 158 16.74 4.26 1.53
C GLY A 158 18.24 4.43 1.48
N ASP A 159 18.81 3.93 0.42
CA ASP A 159 20.24 3.99 0.23
C ASP A 159 20.57 4.74 -1.04
N GLU A 160 21.78 4.59 -1.59
CA GLU A 160 22.17 5.45 -2.70
C GLU A 160 21.44 5.12 -4.01
N THR A 161 20.93 3.90 -4.15
CA THR A 161 20.19 3.60 -5.37
C THR A 161 18.70 3.22 -5.21
N HIS A 162 18.18 3.15 -3.98
CA HIS A 162 16.81 2.78 -3.72
C HIS A 162 16.21 3.76 -2.70
N SER A 163 14.97 4.13 -2.92
CA SER A 163 14.23 5.02 -2.03
C SER A 163 12.88 4.45 -1.73
N HIS A 164 12.36 4.68 -0.51
CA HIS A 164 11.00 4.26 -0.19
C HIS A 164 10.44 5.40 0.58
N PHE A 165 9.14 5.59 0.56
CA PHE A 165 8.56 6.54 1.51
C PHE A 165 7.37 5.89 2.23
N LEU A 166 6.99 6.47 3.35
CA LEU A 166 5.72 6.10 3.94
C LEU A 166 5.21 7.27 4.73
N VAL A 167 3.91 7.23 5.03
CA VAL A 167 3.35 8.28 5.90
C VAL A 167 3.07 7.73 7.30
N ILE A 168 3.14 8.63 8.27
CA ILE A 168 3.14 8.32 9.72
C ILE A 168 2.26 9.26 10.46
N GLY A 169 1.75 8.77 11.60
CA GLY A 169 1.06 9.61 12.60
C GLY A 169 -0.38 9.20 12.89
N GLN A 170 -1.07 10.02 13.72
CA GLN A 170 -2.31 9.55 14.29
C GLN A 170 -3.33 9.37 13.20
N ALA A 171 -3.33 10.33 12.28
CA ALA A 171 -4.27 10.30 11.14
C ALA A 171 -4.07 9.06 10.30
N VAL A 172 -2.80 8.71 10.08
CA VAL A 172 -2.49 7.46 9.39
C VAL A 172 -3.04 6.23 10.12
N ASP A 173 -2.80 6.15 11.43
CA ASP A 173 -3.32 5.02 12.23
C ASP A 173 -4.88 5.06 12.15
N ASP A 174 -5.47 6.26 12.23
CA ASP A 174 -6.92 6.41 12.27
C ASP A 174 -7.57 5.99 10.98
N VAL A 175 -6.91 6.26 9.85
CA VAL A 175 -7.56 5.92 8.57
C VAL A 175 -7.70 4.39 8.40
N ARG A 176 -6.75 3.66 8.93
CA ARG A 176 -6.80 2.22 8.83
C ARG A 176 -7.84 1.64 9.83
N LEU A 177 -7.91 2.19 11.03
CA LEU A 177 -8.91 1.80 12.06
C LEU A 177 -10.30 2.07 11.53
N ALA A 178 -10.49 3.25 10.96
CA ALA A 178 -11.76 3.60 10.38
C ALA A 178 -12.15 2.60 9.32
N GLN A 179 -11.26 2.30 8.38
CA GLN A 179 -11.61 1.36 7.34
C GLN A 179 -11.90 -0.12 7.83
N ASN A 180 -11.12 -0.61 8.80
CA ASN A 180 -11.41 -1.87 9.52
C ASN A 180 -12.81 -2.00 10.09
N MET A 181 -13.39 -0.90 10.60
CA MET A 181 -14.75 -0.91 11.11
C MET A 181 -15.75 -0.81 10.01
N ALA A 182 -15.39 -0.31 8.85
CA ALA A 182 -16.43 -0.14 7.86
C ALA A 182 -17.02 -1.53 7.58
N GLN A 183 -18.34 -1.59 7.57
CA GLN A 183 -19.06 -2.70 7.02
C GLN A 183 -19.14 -2.35 5.57
N MET A 184 -19.71 -3.23 4.79
CA MET A 184 -19.49 -3.17 3.38
C MET A 184 -20.27 -1.97 2.80
N ASN A 185 -19.57 -1.17 2.06
CA ASN A 185 -20.11 0.03 1.45
C ASN A 185 -20.23 1.21 2.39
N ASP A 186 -19.76 1.07 3.63
CA ASP A 186 -19.73 2.21 4.54
C ASP A 186 -18.56 3.11 4.24
N VAL A 187 -18.74 4.39 4.57
CA VAL A 187 -17.68 5.36 4.67
C VAL A 187 -17.63 5.75 6.13
N ILE A 188 -16.48 5.52 6.76
CA ILE A 188 -16.30 5.86 8.16
C ILE A 188 -15.32 7.01 8.37
N LEU A 189 -15.68 7.97 9.22
CA LEU A 189 -14.80 9.06 9.56
C LEU A 189 -14.15 8.78 10.88
N SER A 190 -12.85 9.07 10.94
CA SER A 190 -12.12 9.09 12.20
C SER A 190 -12.70 10.13 13.17
N PRO A 191 -12.47 9.93 14.50
CA PRO A 191 -12.96 10.94 15.45
C PRO A 191 -12.46 12.33 15.08
N ASN A 192 -11.20 12.48 14.70
CA ASN A 192 -10.68 13.83 14.43
C ASN A 192 -11.32 14.38 13.15
N CYS A 193 -11.54 13.54 12.14
CA CYS A 193 -12.16 13.97 10.93
C CYS A 193 -13.57 14.52 11.21
N TRP A 194 -14.31 13.84 12.06
CA TRP A 194 -15.67 14.21 12.36
C TRP A 194 -15.68 15.53 13.14
N GLN A 195 -14.71 15.68 14.04
CA GLN A 195 -14.48 16.91 14.79
C GLN A 195 -14.07 18.12 13.92
N LEU A 196 -13.35 17.88 12.84
CA LEU A 196 -12.93 18.96 11.94
C LEU A 196 -13.91 19.28 10.81
N CYS A 197 -14.89 18.42 10.57
CA CYS A 197 -15.66 18.50 9.31
C CYS A 197 -16.76 19.55 9.41
N ASP A 198 -17.39 19.84 8.24
CA ASP A 198 -18.50 20.75 8.18
C ASP A 198 -19.75 19.99 8.60
N ARG A 199 -20.02 20.07 9.89
CA ARG A 199 -21.19 19.47 10.49
C ARG A 199 -22.54 20.00 10.03
N SER A 200 -22.60 21.15 9.41
CA SER A 200 -23.86 21.65 8.92
C SER A 200 -24.29 20.90 7.61
N MET A 201 -23.33 20.21 6.97
CA MET A 201 -23.53 19.44 5.74
C MET A 201 -23.43 17.94 5.83
N ILE A 202 -22.65 17.43 6.76
CA ILE A 202 -22.41 16.01 6.82
C ILE A 202 -23.19 15.32 7.92
N GLU A 203 -24.17 14.51 7.51
CA GLU A 203 -24.96 13.77 8.44
C GLU A 203 -24.42 12.40 8.67
N ILE A 204 -24.30 12.04 9.95
CA ILE A 204 -23.69 10.82 10.37
C ILE A 204 -24.56 9.99 11.26
N GLU A 205 -24.02 8.81 11.61
CA GLU A 205 -24.63 7.86 12.52
C GLU A 205 -23.53 7.38 13.43
N SER A 206 -23.84 7.27 14.70
CA SER A 206 -22.84 6.77 15.68
C SER A 206 -22.51 5.30 15.37
N VAL A 207 -21.33 4.88 15.80
CA VAL A 207 -20.89 3.52 15.60
C VAL A 207 -20.71 3.05 17.03
N PRO A 208 -21.35 1.91 17.38
CA PRO A 208 -21.29 1.35 18.74
C PRO A 208 -19.85 1.08 19.17
N ASP A 209 -19.58 1.40 20.44
CA ASP A 209 -18.27 1.25 21.07
C ASP A 209 -17.17 1.97 20.32
N GLN A 210 -17.51 2.96 19.52
CA GLN A 210 -16.51 3.73 18.82
C GLN A 210 -16.88 5.17 18.87
N ARG A 211 -15.86 6.01 18.75
CA ARG A 211 -16.00 7.45 18.59
C ARG A 211 -15.96 7.87 17.09
N ALA A 212 -15.48 6.97 16.22
CA ALA A 212 -15.57 7.17 14.78
C ALA A 212 -17.06 7.23 14.41
N VAL A 213 -17.37 7.75 13.24
CA VAL A 213 -18.73 7.77 12.80
C VAL A 213 -18.88 7.35 11.40
N LYS A 214 -20.08 6.93 11.09
CA LYS A 214 -20.43 6.55 9.74
C LYS A 214 -21.16 7.65 8.97
N VAL A 215 -20.73 7.92 7.74
CA VAL A 215 -21.46 8.85 6.90
C VAL A 215 -22.79 8.29 6.49
N ASN A 216 -23.84 9.06 6.75
CA ASN A 216 -25.16 8.73 6.27
C ASN A 216 -25.39 9.44 4.91
N PHE A 217 -25.33 10.76 4.87
CA PHE A 217 -25.46 11.47 3.60
C PHE A 217 -24.99 12.91 3.74
N LEU A 218 -24.83 13.56 2.60
CA LEU A 218 -24.54 14.97 2.50
C LEU A 218 -25.83 15.71 2.49
N LYS A 219 -25.88 16.84 3.19
CA LYS A 219 -27.04 17.66 3.31
C LYS A 219 -26.67 19.08 2.88
N PRO A 220 -26.64 19.31 1.57
CA PRO A 220 -26.25 20.65 1.20
C PRO A 220 -27.28 21.63 1.67
N PRO A 221 -26.85 22.86 1.97
CA PRO A 221 -27.76 23.91 2.28
C PRO A 221 -28.38 24.50 1.03
N PRO A 222 -29.41 25.30 1.24
CA PRO A 222 -30.12 25.98 0.20
C PRO A 222 -29.29 26.63 -0.88
N ASN A 223 -28.30 27.42 -0.59
CA ASN A 223 -27.72 28.01 -1.84
C ASN A 223 -26.67 27.14 -2.60
N PHE A 224 -26.32 26.02 -1.96
CA PHE A 224 -25.14 25.20 -2.34
C PHE A 224 -25.06 24.73 -3.79
N ASN A 225 -23.89 24.94 -4.41
CA ASN A 225 -23.59 24.38 -5.71
C ASN A 225 -22.26 23.62 -5.58
N PHE A 226 -22.25 22.31 -5.70
CA PHE A 226 -21.01 21.62 -5.42
C PHE A 226 -19.89 22.06 -6.38
N ASP A 227 -20.20 22.30 -7.65
CA ASP A 227 -19.13 22.59 -8.65
C ASP A 227 -18.46 23.92 -8.31
N GLU A 228 -19.21 24.91 -7.87
CA GLU A 228 -18.60 26.19 -7.46
C GLU A 228 -17.83 26.07 -6.16
N PHE A 229 -18.30 25.23 -5.24
CA PHE A 229 -17.57 24.98 -4.00
C PHE A 229 -16.23 24.29 -4.34
N PHE A 230 -16.32 23.27 -5.17
CA PHE A 230 -15.13 22.49 -5.63
C PHE A 230 -14.15 23.45 -6.29
N THR A 231 -14.66 24.33 -7.15
CA THR A 231 -13.75 25.31 -7.76
C THR A 231 -13.02 26.12 -6.70
N LYS A 232 -13.72 26.56 -5.65
CA LYS A 232 -13.07 27.28 -4.59
C LYS A 232 -11.99 26.48 -3.91
N CYS A 233 -12.26 25.21 -3.62
CA CYS A 233 -11.26 24.33 -3.05
C CYS A 233 -10.03 24.08 -3.95
N THR A 234 -10.24 24.06 -5.26
CA THR A 234 -9.07 23.86 -6.20
C THR A 234 -7.99 24.99 -6.04
N THR A 235 -8.35 26.15 -5.50
CA THR A 235 -7.32 27.24 -5.19
C THR A 235 -6.23 26.75 -4.30
N PHE A 236 -6.60 25.80 -3.46
CA PHE A 236 -5.67 25.29 -2.54
C PHE A 236 -5.02 24.02 -3.06
N MET A 237 -5.33 23.58 -4.27
CA MET A 237 -4.70 22.38 -4.79
C MET A 237 -3.55 22.70 -5.77
N HIS A 238 -2.30 22.48 -5.35
CA HIS A 238 -1.12 22.93 -6.11
C HIS A 238 -1.05 22.33 -7.52
N TYR A 239 -1.46 21.06 -7.66
CA TYR A 239 -1.25 20.34 -8.93
C TYR A 239 -2.49 19.94 -9.65
N TYR A 240 -3.64 20.51 -9.29
CA TYR A 240 -4.84 20.22 -10.00
C TYR A 240 -4.73 20.63 -11.48
N PRO A 241 -4.95 19.68 -12.42
CA PRO A 241 -4.77 20.04 -13.87
C PRO A 241 -5.78 21.09 -14.30
N SER A 242 -5.30 22.10 -15.02
CA SER A 242 -6.15 23.26 -15.24
C SER A 242 -5.74 23.96 -16.51
N GLY A 243 -6.58 24.87 -16.93
CA GLY A 243 -6.32 25.61 -18.17
C GLY A 243 -6.13 24.76 -19.38
N GLU A 244 -5.01 24.95 -20.04
CA GLU A 244 -4.72 24.10 -21.20
C GLU A 244 -4.63 22.62 -20.85
N HIS A 245 -4.30 22.30 -19.62
CA HIS A 245 -4.15 20.89 -19.21
C HIS A 245 -5.35 20.34 -18.41
N LYS A 246 -6.48 21.03 -18.52
CA LYS A 246 -7.64 20.61 -17.78
C LYS A 246 -8.29 19.26 -18.22
N ASN A 247 -7.89 18.77 -19.38
CA ASN A 247 -8.32 17.50 -19.90
C ASN A 247 -7.42 16.31 -19.48
N LEU A 248 -6.39 16.55 -18.65
CA LEU A 248 -5.48 15.53 -18.14
C LEU A 248 -5.90 15.13 -16.75
N LEU A 249 -5.69 13.85 -16.45
CA LEU A 249 -6.00 13.33 -15.11
C LEU A 249 -4.88 13.72 -14.08
N ARG A 250 -3.65 13.90 -14.56
CA ARG A 250 -2.51 14.25 -13.75
C ARG A 250 -1.57 15.22 -14.48
N LEU A 251 -1.09 16.21 -13.72
CA LEU A 251 -0.09 17.19 -14.18
C LEU A 251 1.18 16.40 -14.53
N ALA A 252 1.43 15.30 -13.83
CA ALA A 252 2.60 14.43 -14.10
C ALA A 252 2.66 13.87 -15.49
N THR A 254 2.49 15.72 -17.95
CA THR A 254 3.20 16.74 -18.74
C THR A 254 4.67 16.82 -18.37
N LEU A 255 5.18 15.94 -17.49
CA LEU A 255 6.59 16.03 -17.13
C LEU A 255 7.47 15.88 -18.37
N LYS A 256 8.53 16.63 -18.37
CA LYS A 256 9.44 16.69 -19.49
C LYS A 256 10.77 16.06 -19.07
N PRO A 257 11.47 15.45 -20.02
CA PRO A 257 12.77 14.89 -19.67
C PRO A 257 13.65 15.80 -18.80
N ASP A 258 14.39 15.25 -17.87
CA ASP A 258 15.20 16.01 -16.94
C ASP A 258 16.00 14.93 -16.17
N PRO A 259 17.23 14.69 -16.56
CA PRO A 259 18.01 13.54 -16.07
C PRO A 259 18.13 13.48 -14.55
N GLU A 260 18.30 14.63 -13.90
CA GLU A 260 18.35 14.73 -12.43
C GLU A 260 17.10 14.24 -11.72
N LEU A 261 15.96 14.71 -12.19
CA LEU A 261 14.71 14.31 -11.64
C LEU A 261 14.46 12.81 -11.90
N GLU A 262 14.79 12.32 -13.10
CA GLU A 262 14.52 10.95 -13.43
C GLU A 262 15.44 10.06 -12.57
N MET A 263 16.69 10.44 -12.40
CA MET A 263 17.61 9.68 -11.52
C MET A 263 17.04 9.55 -10.09
N SER A 264 16.46 10.63 -9.61
CA SER A 264 15.80 10.62 -8.30
C SER A 264 14.50 9.74 -8.24
N LEU A 265 13.66 9.82 -9.25
CA LEU A 265 12.44 9.09 -9.25
C LEU A 265 12.61 7.64 -9.49
N GLN A 266 13.58 7.25 -10.30
CA GLN A 266 13.65 5.86 -10.63
C GLN A 266 14.03 4.96 -9.43
N LYS A 267 14.67 5.57 -8.45
CA LYS A 267 15.11 4.86 -7.27
C LYS A 267 13.96 4.26 -6.48
N TYR A 268 12.75 4.79 -6.70
CA TYR A 268 11.55 4.22 -6.10
C TYR A 268 10.94 3.05 -6.80
N VAL A 269 11.38 2.72 -8.00
CA VAL A 269 10.70 1.76 -8.81
C VAL A 269 11.62 0.56 -8.98
N MET A 270 11.04 -0.62 -8.96
CA MET A 270 11.81 -1.87 -9.07
C MET A 270 12.47 -2.04 -10.40
N GLU A 271 13.59 -2.74 -10.44
CA GLU A 271 14.35 -2.89 -11.68
C GLU A 271 13.52 -3.51 -12.80
N SER A 272 12.74 -4.49 -12.46
CA SER A 272 11.99 -5.22 -13.46
C SER A 272 10.94 -4.34 -14.12
N ILE A 273 10.44 -3.35 -13.37
CA ILE A 273 9.45 -2.41 -13.92
C ILE A 273 10.16 -1.38 -14.83
N LEU A 274 11.34 -0.94 -14.40
CA LEU A 274 12.18 -0.07 -15.25
C LEU A 274 12.51 -0.78 -16.55
N LYS A 275 12.77 -2.10 -16.51
CA LYS A 275 13.09 -2.84 -17.74
C LYS A 275 11.91 -2.81 -18.71
N GLN A 276 10.72 -2.92 -18.19
CA GLN A 276 9.51 -2.83 -19.03
C GLN A 276 9.27 -1.44 -19.58
N ILE A 277 9.45 -0.46 -18.73
CA ILE A 277 9.41 0.98 -19.15
C ILE A 277 10.39 1.25 -20.24
N ASP A 278 11.56 0.66 -20.17
CA ASP A 278 12.55 0.86 -21.18
C ASP A 278 12.41 -0.03 -22.46
N ASN A 279 11.27 -0.73 -22.59
CA ASN A 279 10.97 -1.62 -23.76
C ASN A 279 12.06 -2.62 -23.99
N LYS A 280 12.52 -3.19 -22.90
CA LYS A 280 13.47 -4.28 -22.88
C LYS A 280 12.89 -5.61 -22.39
N GLN A 281 11.58 -5.68 -22.17
CA GLN A 281 10.90 -6.89 -21.75
C GLN A 281 9.43 -6.69 -22.15
N LEU A 282 8.74 -7.75 -22.53
CA LEU A 282 7.29 -7.60 -22.94
C LEU A 282 6.42 -7.30 -21.72
N GLN A 283 5.36 -6.50 -21.85
CA GLN A 283 4.44 -6.17 -20.71
C GLN A 283 3.86 -7.45 -20.09
N GLY A 284 3.58 -8.44 -20.90
CA GLY A 284 2.86 -9.61 -20.42
C GLY A 284 3.51 -10.25 -19.21
N TYR A 285 4.83 -10.19 -19.16
CA TYR A 285 5.65 -10.99 -18.27
C TYR A 285 5.41 -10.62 -16.82
N LEU A 286 5.02 -9.40 -16.51
CA LEU A 286 4.89 -9.04 -15.10
C LEU A 286 3.55 -9.37 -14.42
N SER A 287 2.53 -9.76 -15.19
CA SER A 287 1.25 -10.27 -14.65
C SER A 287 1.38 -11.72 -14.55
N GLU A 288 1.39 -12.25 -13.35
CA GLU A 288 1.46 -13.72 -13.21
C GLU A 288 0.86 -14.20 -11.90
N LEU A 289 0.46 -15.46 -11.91
CA LEU A 289 -0.03 -16.12 -10.74
C LEU A 289 1.05 -17.13 -10.53
N ARG A 290 1.87 -16.95 -9.52
CA ARG A 290 3.04 -17.80 -9.37
C ARG A 290 3.26 -18.14 -7.88
N PRO A 291 3.92 -19.27 -7.64
CA PRO A 291 4.19 -19.68 -6.24
C PRO A 291 5.26 -18.78 -5.74
N VAL A 292 5.02 -18.10 -4.63
CA VAL A 292 6.10 -17.32 -4.02
C VAL A 292 6.11 -17.60 -2.52
N THR A 293 7.08 -17.02 -1.83
CA THR A 293 7.07 -17.02 -0.40
C THR A 293 6.98 -15.56 0.08
N ILE A 294 6.01 -15.26 0.95
CA ILE A 294 5.88 -13.93 1.51
C ILE A 294 6.53 -13.92 2.87
N VAL A 295 7.33 -12.88 3.13
CA VAL A 295 7.93 -12.68 4.41
C VAL A 295 7.51 -11.28 4.88
N PHE A 296 6.62 -11.28 5.85
CA PHE A 296 5.98 -10.06 6.32
C PHE A 296 6.59 -9.71 7.68
N VAL A 297 7.32 -8.60 7.68
CA VAL A 297 8.11 -8.18 8.83
C VAL A 297 7.51 -6.99 9.47
N ASN A 298 7.27 -7.07 10.80
CA ASN A 298 6.73 -5.98 11.52
C ASN A 298 7.71 -5.51 12.58
N LEU A 299 7.94 -4.19 12.59
CA LEU A 299 8.78 -3.55 13.59
C LEU A 299 7.91 -2.69 14.50
N MET A 300 7.87 -3.01 15.79
CA MET A 300 6.96 -2.22 16.68
C MET A 300 7.75 -1.20 17.46
N PHE A 301 7.20 -0.02 17.66
CA PHE A 301 7.95 1.05 18.42
C PHE A 301 7.07 1.44 19.62
N GLU A 302 7.67 2.14 20.58
CA GLU A 302 6.95 2.69 21.77
C GLU A 302 5.90 3.67 21.26
N ASP A 303 6.32 4.58 20.38
CA ASP A 303 5.41 5.56 19.82
C ASP A 303 5.43 5.61 18.29
N GLN A 304 4.49 4.93 17.70
CA GLN A 304 4.53 4.74 16.23
C GLN A 304 4.14 6.04 15.49
N ASP A 305 3.82 7.11 16.23
CA ASP A 305 3.33 8.36 15.59
C ASP A 305 4.37 9.42 15.54
N LYS A 306 5.58 9.13 15.99
CA LYS A 306 6.63 10.13 16.16
C LYS A 306 7.77 9.91 15.19
N ALA A 307 7.65 10.48 13.99
CA ALA A 307 8.61 10.25 12.94
C ALA A 307 10.07 10.49 13.29
N GLU A 308 10.37 11.50 14.10
CA GLU A 308 11.80 11.81 14.35
C GLU A 308 12.44 10.74 15.21
N GLU A 309 11.64 10.09 16.02
CA GLU A 309 12.04 8.91 16.75
C GLU A 309 12.14 7.68 15.89
N ILE A 310 11.09 7.39 15.13
CA ILE A 310 11.10 6.13 14.42
C ILE A 310 11.83 6.17 13.10
N GLY A 311 12.03 7.34 12.54
CA GLY A 311 12.65 7.45 11.21
C GLY A 311 14.04 6.84 11.15
N PRO A 312 14.93 7.21 12.12
CA PRO A 312 16.28 6.62 12.14
C PRO A 312 16.27 5.08 12.23
N ALA A 313 15.35 4.56 13.03
CA ALA A 313 15.25 3.15 13.26
C ALA A 313 14.82 2.43 12.01
N ILE A 314 13.82 2.95 11.29
CA ILE A 314 13.36 2.34 10.06
C ILE A 314 14.50 2.33 9.04
N GLN A 315 15.21 3.43 8.94
CA GLN A 315 16.38 3.53 8.04
C GLN A 315 17.45 2.48 8.36
N ASP A 316 17.77 2.37 9.64
CA ASP A 316 18.74 1.40 10.12
C ASP A 316 18.31 -0.03 9.80
N ALA A 317 17.07 -0.36 10.12
CA ALA A 317 16.50 -1.65 9.75
C ALA A 317 16.49 -1.88 8.25
N TYR A 318 16.02 -0.90 7.47
CA TYR A 318 16.02 -0.97 6.06
C TYR A 318 17.44 -1.33 5.54
N MET A 319 18.47 -0.64 5.99
CA MET A 319 19.81 -0.93 5.44
C MET A 319 20.18 -2.39 5.60
N HIS A 320 19.84 -3.00 6.74
CA HIS A 320 20.16 -4.39 6.93
C HIS A 320 19.24 -5.27 6.09
N ILE A 321 17.96 -4.95 6.09
CA ILE A 321 16.97 -5.75 5.40
C ILE A 321 17.28 -5.86 3.89
N THR A 322 17.57 -4.73 3.30
CA THR A 322 17.82 -4.75 1.89
C THR A 322 19.04 -5.59 1.57
N SER A 323 19.99 -5.58 2.44
CA SER A 323 21.26 -6.35 2.19
C SER A 323 21.03 -7.87 2.28
N VAL A 324 20.40 -8.32 3.36
CA VAL A 324 20.16 -9.73 3.48
C VAL A 324 19.12 -10.26 2.50
N LEU A 325 18.12 -9.47 2.14
CA LEU A 325 17.18 -9.87 1.08
C LEU A 325 17.96 -10.15 -0.23
N LYS A 326 18.90 -9.28 -0.53
CA LYS A 326 19.69 -9.46 -1.74
C LYS A 326 20.52 -10.73 -1.68
N ILE A 327 21.13 -11.03 -0.54
CA ILE A 327 21.87 -12.30 -0.37
C ILE A 327 21.00 -13.51 -0.57
N PHE A 328 19.77 -13.47 -0.05
CA PHE A 328 18.84 -14.64 -0.05
C PHE A 328 17.82 -14.56 -1.21
N GLN A 329 17.99 -13.60 -2.11
CA GLN A 329 17.20 -13.52 -3.37
C GLN A 329 15.73 -13.05 -3.18
N GLY A 330 15.45 -12.12 -2.26
CA GLY A 330 14.13 -11.59 -2.05
C GLY A 330 14.12 -10.14 -2.35
N GLN A 331 12.96 -9.51 -2.21
CA GLN A 331 12.76 -8.13 -2.57
C GLN A 331 11.71 -7.55 -1.67
N ILE A 332 11.84 -6.27 -1.43
CA ILE A 332 10.82 -5.52 -0.73
C ILE A 332 9.74 -5.14 -1.74
N ASN A 333 8.50 -5.51 -1.52
CA ASN A 333 7.38 -5.08 -2.39
C ASN A 333 6.72 -3.80 -1.88
N LYS A 334 6.61 -3.67 -0.58
CA LYS A 334 5.90 -2.57 0.01
C LYS A 334 6.29 -2.31 1.43
N VAL A 335 6.24 -1.06 1.86
CA VAL A 335 6.48 -0.74 3.25
C VAL A 335 5.40 0.21 3.73
N PHE A 336 4.87 -0.02 4.91
CA PHE A 336 3.89 0.91 5.44
C PHE A 336 3.65 0.72 6.91
N MET A 337 2.99 1.70 7.50
CA MET A 337 2.67 1.64 8.90
C MET A 337 1.41 0.76 9.07
N PHE A 338 1.47 -0.16 10.03
CA PHE A 338 0.47 -1.21 10.27
C PHE A 338 0.92 -2.04 11.49
N ASP A 339 -0.02 -2.52 12.30
CA ASP A 339 0.35 -3.45 13.39
C ASP A 339 1.23 -2.71 14.43
N LYS A 340 0.80 -1.50 14.84
CA LYS A 340 1.55 -0.73 15.88
C LYS A 340 3.09 -0.49 15.50
N GLY A 341 3.30 -0.48 14.18
CA GLY A 341 4.63 -0.51 13.66
C GLY A 341 4.78 -0.31 12.18
N CYS A 342 6.01 -0.46 11.72
CA CYS A 342 6.35 -0.36 10.33
C CYS A 342 6.47 -1.78 9.82
N SER A 343 5.73 -2.09 8.76
CA SER A 343 5.72 -3.39 8.17
C SER A 343 6.36 -3.37 6.80
N PHE A 344 7.18 -4.38 6.52
CA PHE A 344 7.79 -4.60 5.23
C PHE A 344 7.24 -5.84 4.64
N LEU A 345 6.66 -5.72 3.45
CA LEU A 345 6.19 -6.87 2.68
C LEU A 345 7.24 -7.31 1.70
N CYS A 346 7.90 -8.43 1.99
CA CYS A 346 8.98 -8.93 1.24
C CYS A 346 8.57 -10.20 0.53
N VAL A 347 9.15 -10.42 -0.65
CA VAL A 347 8.75 -11.51 -1.50
C VAL A 347 9.96 -12.24 -2.05
N PHE A 348 9.86 -13.57 -2.04
CA PHE A 348 10.84 -14.47 -2.62
C PHE A 348 10.13 -15.25 -3.71
N GLY A 349 10.76 -15.25 -4.89
CA GLY A 349 10.20 -15.80 -6.17
C GLY A 349 9.59 -14.79 -7.20
N PHE A 350 9.68 -13.44 -7.03
CA PHE A 350 9.22 -12.40 -8.04
C PHE A 350 9.80 -12.70 -9.45
N PRO A 351 9.25 -12.07 -10.54
CA PRO A 351 9.86 -12.17 -11.92
C PRO A 351 11.39 -12.09 -11.97
N GLY A 352 12.05 -13.17 -12.39
CA GLY A 352 13.51 -13.23 -12.41
C GLY A 352 14.15 -13.88 -11.19
N GLU A 353 13.60 -13.66 -9.99
CA GLU A 353 14.25 -14.09 -8.74
C GLU A 353 13.93 -15.55 -8.26
N LYS A 354 13.56 -16.45 -9.18
CA LYS A 354 13.33 -17.87 -8.83
C LYS A 354 14.57 -18.72 -8.50
N VAL A 355 14.41 -19.69 -7.59
CA VAL A 355 15.44 -20.68 -7.25
C VAL A 355 14.65 -21.88 -6.69
N PRO A 356 15.30 -23.07 -6.58
CA PRO A 356 14.80 -23.89 -5.45
C PRO A 356 15.53 -23.46 -4.13
N ASP A 357 15.19 -24.13 -3.02
CA ASP A 357 15.56 -23.74 -1.64
C ASP A 357 15.19 -22.29 -1.36
N GLU A 358 14.29 -21.75 -2.19
CA GLU A 358 13.65 -20.53 -1.96
C GLU A 358 13.04 -20.50 -0.53
N LEU A 359 12.45 -21.62 -0.09
CA LEU A 359 11.79 -21.70 1.22
C LEU A 359 12.81 -21.59 2.35
N THR A 360 13.91 -22.32 2.19
CA THR A 360 14.98 -22.30 3.14
C THR A 360 15.52 -20.88 3.26
N HIS A 361 15.69 -20.26 2.14
CA HIS A 361 16.25 -18.95 2.09
C HIS A 361 15.34 -17.95 2.81
N ALA A 362 14.06 -18.06 2.54
CA ALA A 362 13.09 -17.16 3.12
C ALA A 362 13.21 -17.25 4.64
N LEU A 363 13.32 -18.47 5.15
CA LEU A 363 13.36 -18.68 6.55
C LEU A 363 14.68 -18.21 7.16
N GLU A 364 15.80 -18.54 6.52
CA GLU A 364 17.08 -18.05 7.01
C GLU A 364 17.20 -16.53 7.00
N CYS A 365 16.68 -15.90 5.95
CA CYS A 365 16.62 -14.47 5.84
C CYS A 365 15.74 -13.86 6.93
N ALA A 366 14.57 -14.47 7.16
CA ALA A 366 13.68 -13.99 8.22
C ALA A 366 14.38 -14.07 9.56
N MET A 367 15.09 -15.15 9.86
CA MET A 367 15.76 -15.20 11.18
C MET A 367 16.85 -14.14 11.31
N ASP A 368 17.55 -13.92 10.22
CA ASP A 368 18.59 -12.90 10.18
C ASP A 368 18.05 -11.49 10.42
N ILE A 369 16.96 -11.16 9.74
CA ILE A 369 16.30 -9.91 9.95
C ILE A 369 15.79 -9.79 11.38
N PHE A 370 15.19 -10.87 11.90
CA PHE A 370 14.73 -10.91 13.28
C PHE A 370 15.82 -10.63 14.28
N ASP A 371 16.98 -11.26 14.11
CA ASP A 371 18.09 -11.10 15.08
C ASP A 371 18.64 -9.70 15.01
N PHE A 372 18.84 -9.20 13.82
CA PHE A 372 19.37 -7.87 13.63
C PHE A 372 18.46 -6.76 14.10
N CYS A 373 17.20 -6.77 13.65
CA CYS A 373 16.27 -5.71 13.96
C CYS A 373 15.90 -5.64 15.45
N SER A 374 15.88 -6.79 16.13
CA SER A 374 15.62 -6.83 17.54
C SER A 374 16.65 -6.03 18.34
N GLN A 375 17.87 -5.86 17.82
CA GLN A 375 18.89 -5.04 18.53
C GLN A 375 18.93 -3.60 18.11
N VAL A 376 18.06 -3.15 17.22
CA VAL A 376 18.12 -1.79 16.71
C VAL A 376 17.44 -0.90 17.74
N HIS A 377 18.08 0.20 18.15
CA HIS A 377 17.54 1.08 19.19
C HIS A 377 16.16 1.64 18.80
N LYS A 378 15.23 1.53 19.74
CA LYS A 378 13.87 2.01 19.59
C LYS A 378 13.00 0.99 18.95
N ILE A 379 13.54 -0.12 18.49
CA ILE A 379 12.66 -1.15 17.96
C ILE A 379 12.32 -2.03 19.18
N GLN A 380 11.06 -2.04 19.59
CA GLN A 380 10.66 -2.75 20.79
C GLN A 380 10.41 -4.24 20.56
N THR A 381 9.74 -4.59 19.45
CA THR A 381 9.47 -5.98 19.09
C THR A 381 9.49 -6.17 17.54
N VAL A 382 10.04 -7.29 17.10
CA VAL A 382 10.01 -7.70 15.71
C VAL A 382 9.14 -8.96 15.65
N SER A 383 8.26 -8.96 14.68
CA SER A 383 7.50 -10.14 14.37
C SER A 383 7.61 -10.41 12.88
N ILE A 384 7.74 -11.69 12.49
CA ILE A 384 7.79 -12.02 11.11
C ILE A 384 6.93 -13.22 10.77
N GLY A 385 6.07 -13.05 9.76
CA GLY A 385 5.22 -14.14 9.26
C GLY A 385 5.67 -14.61 7.92
N VAL A 386 5.85 -15.93 7.73
CA VAL A 386 6.31 -16.43 6.45
C VAL A 386 5.28 -17.45 5.89
N ALA A 387 4.82 -17.24 4.68
CA ALA A 387 3.77 -18.07 4.12
C ALA A 387 4.08 -18.21 2.64
N SER A 388 3.80 -19.41 2.11
CA SER A 388 4.08 -19.76 0.73
C SER A 388 2.85 -20.33 0.00
N GLY A 389 2.64 -19.83 -1.21
CA GLY A 389 1.57 -20.35 -2.08
C GLY A 389 1.51 -19.51 -3.35
N ILE A 390 0.45 -19.71 -4.09
CA ILE A 390 0.26 -19.05 -5.37
C ILE A 390 -0.26 -17.67 -5.11
N VAL A 391 0.42 -16.69 -5.63
CA VAL A 391 -0.05 -15.36 -5.44
C VAL A 391 -0.05 -14.57 -6.77
N PHE A 392 -0.95 -13.62 -6.88
CA PHE A 392 -0.98 -12.71 -8.04
C PHE A 392 0.08 -11.63 -7.85
N CYS A 393 0.86 -11.39 -8.88
CA CYS A 393 1.84 -10.37 -8.93
C CYS A 393 1.55 -9.57 -10.21
N GLY A 394 1.44 -8.23 -10.11
CA GLY A 394 1.39 -7.47 -11.33
C GLY A 394 1.07 -6.01 -11.06
N ILE A 395 0.94 -5.24 -12.12
CA ILE A 395 0.70 -3.79 -12.06
C ILE A 395 -0.76 -3.48 -11.91
N VAL A 396 -1.10 -2.83 -10.80
CA VAL A 396 -2.50 -2.56 -10.49
C VAL A 396 -2.74 -1.06 -10.48
N GLY A 397 -3.86 -0.65 -11.03
CA GLY A 397 -4.26 0.71 -11.03
C GLY A 397 -4.70 1.19 -12.40
N HIS A 398 -4.48 2.48 -12.64
CA HIS A 398 -4.93 3.19 -13.87
C HIS A 398 -3.68 3.38 -14.72
N THR A 399 -3.83 3.54 -16.02
CA THR A 399 -2.72 3.96 -16.87
C THR A 399 -1.88 5.12 -16.31
N VAL A 400 -2.50 6.14 -15.76
CA VAL A 400 -1.77 7.29 -15.27
C VAL A 400 -1.26 7.13 -13.84
N ARG A 401 -1.71 6.12 -13.12
CA ARG A 401 -1.31 5.97 -11.75
C ARG A 401 -1.54 4.49 -11.34
N HIS A 402 -0.43 3.78 -11.23
CA HIS A 402 -0.42 2.35 -11.01
C HIS A 402 0.85 1.91 -10.34
N GLU A 403 0.85 0.72 -9.75
CA GLU A 403 2.02 0.20 -9.05
C GLU A 403 2.03 -1.33 -9.13
N TYR A 404 3.22 -1.89 -8.98
CA TYR A 404 3.38 -3.32 -8.81
C TYR A 404 2.99 -3.74 -7.43
N THR A 405 2.16 -4.75 -7.38
CA THR A 405 1.66 -5.23 -6.11
C THR A 405 1.45 -6.81 -6.11
N VAL A 406 1.16 -7.36 -4.95
CA VAL A 406 0.87 -8.79 -4.82
C VAL A 406 -0.50 -8.95 -4.13
N ILE A 407 -1.25 -9.96 -4.54
CA ILE A 407 -2.54 -10.21 -3.97
C ILE A 407 -2.68 -11.73 -3.79
N GLY A 408 -3.12 -12.14 -2.62
CA GLY A 408 -3.36 -13.56 -2.42
C GLY A 408 -3.63 -13.92 -0.96
N GLN A 409 -4.32 -15.02 -0.76
CA GLN A 409 -4.63 -15.47 0.59
C GLN A 409 -3.33 -15.66 1.40
N LYS A 410 -2.23 -16.13 0.80
CA LYS A 410 -0.98 -16.28 1.55
C LYS A 410 -0.35 -14.94 2.00
N VAL A 411 -0.67 -13.84 1.32
CA VAL A 411 -0.21 -12.55 1.71
C VAL A 411 -0.92 -12.15 3.01
N ASN A 412 -2.24 -12.30 3.01
CA ASN A 412 -3.04 -12.04 4.19
CA ASN A 412 -3.05 -12.03 4.15
C ASN A 412 -2.64 -12.96 5.33
N LEU A 413 -2.41 -14.24 5.02
CA LEU A 413 -2.02 -15.16 6.08
C LEU A 413 -0.72 -14.72 6.74
N ALA A 414 0.30 -14.40 5.96
CA ALA A 414 1.55 -13.94 6.57
C ALA A 414 1.38 -12.68 7.45
N ALA A 415 0.59 -11.73 6.98
CA ALA A 415 0.33 -10.57 7.82
C ALA A 415 -0.41 -10.90 9.11
N ARG A 416 -1.38 -11.78 9.04
CA ARG A 416 -2.11 -12.16 10.24
C ARG A 416 -1.20 -12.96 11.20
N MET A 417 -0.36 -13.80 10.66
CA MET A 417 0.55 -14.56 11.53
C MET A 417 1.45 -13.61 12.34
N MET A 418 2.02 -12.66 11.63
CA MET A 418 2.90 -11.67 12.17
C MET A 418 2.21 -10.89 13.30
N MET A 419 0.94 -10.58 13.10
CA MET A 419 0.10 -9.88 14.08
CA MET A 419 0.11 -9.87 14.10
C MET A 419 -0.33 -10.79 15.25
N TYR A 420 -0.78 -12.03 14.99
CA TYR A 420 -1.24 -12.86 16.09
C TYR A 420 -0.16 -13.60 16.86
N TYR A 421 1.07 -13.61 16.34
CA TYR A 421 2.17 -14.29 16.95
C TYR A 421 3.33 -13.34 17.04
N PRO A 422 3.22 -12.32 17.90
CA PRO A 422 4.23 -11.31 17.98
C PRO A 422 5.54 -11.75 18.60
N GLY A 423 6.63 -11.16 18.17
CA GLY A 423 7.90 -11.34 18.85
C GLY A 423 8.58 -12.58 18.38
N ILE A 424 8.05 -13.31 17.41
CA ILE A 424 8.75 -14.49 16.91
C ILE A 424 8.64 -14.56 15.37
N VAL A 425 9.37 -15.50 14.76
CA VAL A 425 9.27 -15.79 13.35
C VAL A 425 8.35 -17.00 13.22
N THR A 426 7.26 -16.87 12.46
CA THR A 426 6.40 -18.01 12.21
C THR A 426 6.30 -18.37 10.70
N CYS A 427 5.87 -19.61 10.41
CA CYS A 427 5.71 -20.08 9.06
C CYS A 427 4.55 -21.05 8.93
N ASP A 428 4.04 -21.11 7.71
CA ASP A 428 2.89 -21.96 7.47
C ASP A 428 3.37 -23.34 7.13
N SER A 429 2.42 -24.18 6.82
CA SER A 429 2.74 -25.55 6.57
C SER A 429 3.53 -25.87 5.30
N VAL A 430 3.15 -25.22 4.20
CA VAL A 430 3.83 -25.32 2.94
C VAL A 430 5.32 -24.95 3.12
N THR A 431 5.58 -23.86 3.84
CA THR A 431 6.96 -23.41 4.02
C THR A 431 7.70 -24.44 4.86
N TYR A 432 7.07 -24.89 5.93
CA TYR A 432 7.69 -25.89 6.81
C TYR A 432 8.02 -27.19 6.07
N ASN A 433 7.03 -27.71 5.38
CA ASN A 433 7.19 -29.01 4.74
C ASN A 433 8.12 -28.91 3.57
N GLY A 434 8.19 -27.76 2.93
CA GLY A 434 9.05 -27.62 1.75
C GLY A 434 10.48 -27.27 2.08
N SER A 435 10.81 -26.74 3.27
CA SER A 435 12.16 -26.23 3.51
C SER A 435 13.09 -27.45 3.64
N ASN A 436 14.38 -27.27 3.43
CA ASN A 436 15.40 -28.37 3.64
C ASN A 436 15.92 -28.43 5.08
N LEU A 437 15.21 -27.77 5.98
CA LEU A 437 15.72 -27.56 7.32
C LEU A 437 15.21 -28.68 8.17
N PRO A 438 16.01 -29.15 9.13
CA PRO A 438 15.53 -30.15 10.08
C PRO A 438 14.30 -29.72 10.87
N ALA A 439 13.52 -30.70 11.24
CA ALA A 439 12.28 -30.46 11.89
C ALA A 439 12.42 -29.82 13.27
N TYR A 440 13.45 -30.21 14.02
CA TYR A 440 13.72 -29.63 15.32
C TYR A 440 14.14 -28.17 15.30
N PHE A 441 14.34 -27.58 14.13
CA PHE A 441 14.50 -26.10 14.04
C PHE A 441 13.12 -25.41 14.16
N PHE A 442 12.03 -26.17 14.24
CA PHE A 442 10.70 -25.58 14.29
C PHE A 442 9.99 -26.00 15.54
N LYS A 443 8.91 -25.29 15.89
CA LYS A 443 8.00 -25.71 16.94
C LYS A 443 6.61 -25.57 16.44
N GLU A 444 5.85 -26.63 16.52
CA GLU A 444 4.44 -26.55 16.16
C GLU A 444 3.68 -25.74 17.19
N LEU A 445 2.87 -24.78 16.73
CA LEU A 445 2.21 -23.78 17.58
C LEU A 445 0.70 -24.05 17.79
N PRO A 446 0.11 -23.52 18.90
CA PRO A 446 -1.34 -23.56 19.09
C PRO A 446 -1.98 -22.80 17.96
N LYS A 447 -3.15 -23.28 17.53
CA LYS A 447 -3.83 -22.63 16.43
C LYS A 447 -4.74 -21.54 17.01
N LYS A 448 -4.63 -20.37 16.47
CA LYS A 448 -5.43 -19.23 16.88
C LYS A 448 -6.49 -18.96 15.84
N VAL A 449 -7.69 -18.57 16.28
CA VAL A 449 -8.69 -18.09 15.35
C VAL A 449 -8.22 -16.69 14.91
N MET A 450 -8.11 -16.47 13.60
CA MET A 450 -7.41 -15.30 13.08
C MET A 450 -8.31 -14.52 12.12
N LYS A 451 -8.56 -13.25 12.44
CA LYS A 451 -9.53 -12.46 11.67
C LYS A 451 -9.10 -12.46 10.21
N GLY A 452 -10.02 -13.00 9.40
CA GLY A 452 -9.91 -13.06 7.96
C GLY A 452 -9.13 -14.24 7.43
N VAL A 453 -9.10 -15.37 8.14
CA VAL A 453 -8.47 -16.61 7.62
C VAL A 453 -9.29 -17.83 8.11
N ALA A 454 -9.87 -18.57 7.18
CA ALA A 454 -10.77 -19.69 7.53
C ALA A 454 -9.98 -20.92 7.98
N ASP A 455 -8.85 -21.23 7.33
CA ASP A 455 -7.98 -22.34 7.81
C ASP A 455 -6.55 -22.35 7.26
N SER A 456 -5.62 -22.00 8.15
CA SER A 456 -4.20 -21.81 7.82
C SER A 456 -3.40 -23.13 7.60
N GLY A 457 -3.97 -24.25 8.10
CA GLY A 457 -3.26 -25.57 8.28
C GLY A 457 -2.35 -25.40 9.48
N PRO A 458 -1.54 -26.39 9.85
CA PRO A 458 -0.69 -26.13 11.07
C PRO A 458 0.32 -24.97 10.86
N LEU A 459 0.62 -24.23 11.93
CA LEU A 459 1.58 -23.15 11.92
C LEU A 459 2.74 -23.48 12.82
N TYR A 460 3.89 -22.90 12.52
CA TYR A 460 5.13 -23.24 13.19
C TYR A 460 5.86 -22.00 13.54
N GLN A 461 6.54 -22.07 14.64
CA GLN A 461 7.60 -21.16 14.94
C GLN A 461 8.91 -21.67 14.33
N TYR A 462 9.65 -20.79 13.67
CA TYR A 462 10.99 -21.10 13.21
C TYR A 462 11.85 -20.71 14.40
N TRP A 463 12.30 -21.77 15.09
CA TRP A 463 12.99 -21.59 16.36
C TRP A 463 14.43 -21.33 16.00
N GLY A 464 14.91 -21.96 14.93
CA GLY A 464 16.28 -21.75 14.46
C GLY A 464 17.26 -22.75 15.06
N ARG A 465 18.56 -22.55 14.75
CA ARG A 465 19.64 -23.56 14.88
C ARG A 465 19.94 -23.89 16.29
N THR A 466 20.74 -23.08 17.00
CA THR A 466 21.09 -23.47 18.37
C THR A 466 19.71 -23.64 19.08
N GLU A 467 19.70 -24.55 20.04
CA GLU A 467 18.59 -24.74 20.92
C GLU A 467 18.40 -23.43 21.74
N LYS A 468 17.17 -23.21 22.23
CA LYS A 468 16.84 -22.19 23.28
C LYS A 468 16.01 -22.80 24.48
N VAL A 469 15.38 -23.96 24.27
CA VAL A 469 14.71 -24.70 25.34
C VAL A 469 13.20 -24.92 25.14
#